data_8FCH
#
_entry.id   8FCH
#
_cell.length_a   71.2
_cell.length_b   71.2
_cell.length_c   240.405
_cell.angle_alpha   90
_cell.angle_beta   90
_cell.angle_gamma   90
#
_symmetry.space_group_name_H-M   'P 43 21 2'
#
loop_
_entity.id
_entity.type
_entity.pdbx_description
1 polymer 'tRNA (guanine-N(1)-)-methyltransferase'
2 water water
#
_entity_poly.entity_id   1
_entity_poly.type   'polypeptide(L)'
_entity_poly.pdbx_seq_one_letter_code
;MAHHHHHHMGTLEAQTQGPGSMRIDVVTIFPAYLDPLRQSLPGKAIQSGLVDLRVHDLRRWTHDAHRSVDDAPYGGGPGM
VMKAPVWGEALDEIASAETLLVVPTPAGVLFDQATAARWSAERHLVFACGRYEGIDQRVVEDAARRMRVEEVSIGDYVLP
GGESAAVVMIEAVLRLLDGVLGNPASRHDDSHSPALDRRLEGPSYTRPPSWRGLDVPEVLLSGDHARIAAWRREVSLQRT
RERRPELLADPVGPQDDPGR
;
_entity_poly.pdbx_strand_id   A,B
#
# COMPACT_ATOMS: atom_id res chain seq x y z
N SER A 21 22.40 6.82 11.23
CA SER A 21 21.63 5.60 11.44
C SER A 21 20.15 5.94 11.73
N MET A 22 19.24 5.00 11.39
CA MET A 22 17.81 5.26 11.56
C MET A 22 17.10 4.18 12.36
N ARG A 23 16.26 4.57 13.31
CA ARG A 23 15.43 3.64 14.06
C ARG A 23 13.98 3.77 13.56
N ILE A 24 13.31 2.63 13.34
CA ILE A 24 11.91 2.60 12.90
C ILE A 24 11.13 1.72 13.86
N ASP A 25 10.12 2.30 14.56
CA ASP A 25 9.30 1.53 15.47
C ASP A 25 7.91 1.44 14.89
N VAL A 26 7.30 0.26 14.92
CA VAL A 26 5.93 0.08 14.45
C VAL A 26 5.11 -0.41 15.62
N VAL A 27 4.03 0.28 15.99
CA VAL A 27 3.20 -0.13 17.11
C VAL A 27 1.88 -0.61 16.54
N THR A 28 1.47 -1.82 16.91
CA THR A 28 0.31 -2.49 16.33
C THR A 28 -0.23 -3.58 17.24
N ILE A 29 -1.53 -3.91 17.11
CA ILE A 29 -2.08 -5.07 17.82
C ILE A 29 -1.81 -6.41 17.03
N PHE A 30 -1.18 -6.33 15.85
CA PHE A 30 -0.83 -7.48 14.99
C PHE A 30 0.66 -7.41 14.63
N PRO A 31 1.55 -7.71 15.59
CA PRO A 31 2.98 -7.65 15.29
C PRO A 31 3.45 -8.54 14.12
N ALA A 32 2.81 -9.70 13.91
CA ALA A 32 3.19 -10.61 12.82
C ALA A 32 3.10 -9.99 11.43
N TYR A 33 2.30 -8.91 11.28
N TYR A 33 2.31 -8.93 11.27
CA TYR A 33 2.10 -8.22 10.00
CA TYR A 33 2.17 -8.25 9.97
C TYR A 33 3.37 -7.47 9.49
C TYR A 33 3.52 -7.75 9.44
N LEU A 34 4.42 -7.35 10.34
CA LEU A 34 5.72 -6.79 9.93
C LEU A 34 6.82 -7.89 9.79
N ASP A 35 6.44 -9.18 9.90
CA ASP A 35 7.37 -10.31 9.78
C ASP A 35 8.10 -10.38 8.42
N PRO A 36 7.47 -10.16 7.24
CA PRO A 36 8.24 -10.17 5.98
C PRO A 36 9.48 -9.25 6.00
N LEU A 37 9.30 -8.00 6.47
CA LEU A 37 10.37 -7.00 6.53
C LEU A 37 11.50 -7.44 7.47
N ARG A 38 11.15 -8.14 8.56
CA ARG A 38 12.16 -8.63 9.50
C ARG A 38 12.61 -10.07 9.16
N GLN A 47 20.22 -5.66 6.24
CA GLN A 47 21.23 -6.67 6.54
C GLN A 47 22.35 -6.14 7.44
N SER A 48 22.62 -4.83 7.40
CA SER A 48 23.60 -4.21 8.29
C SER A 48 22.84 -3.43 9.41
N GLY A 49 23.55 -2.67 10.24
CA GLY A 49 22.93 -1.92 11.32
C GLY A 49 22.55 -0.51 10.96
N LEU A 50 22.31 -0.23 9.66
CA LEU A 50 21.91 1.10 9.23
C LEU A 50 20.49 1.38 9.74
N VAL A 51 19.59 0.42 9.54
CA VAL A 51 18.21 0.55 10.03
C VAL A 51 17.98 -0.44 11.15
N ASP A 52 17.33 0.03 12.21
CA ASP A 52 16.96 -0.80 13.34
C ASP A 52 15.43 -0.76 13.35
N LEU A 53 14.80 -1.83 12.88
CA LEU A 53 13.36 -1.94 12.79
C LEU A 53 12.82 -2.77 13.94
N ARG A 54 11.96 -2.16 14.78
CA ARG A 54 11.36 -2.82 15.92
C ARG A 54 9.86 -2.77 15.78
N VAL A 55 9.18 -3.84 16.16
CA VAL A 55 7.73 -3.95 16.11
C VAL A 55 7.24 -4.22 17.53
N HIS A 56 6.24 -3.48 18.02
CA HIS A 56 5.75 -3.61 19.38
C HIS A 56 4.28 -3.93 19.39
N ASP A 57 3.89 -4.82 20.30
CA ASP A 57 2.48 -5.15 20.48
C ASP A 57 1.90 -4.06 21.39
N LEU A 58 0.91 -3.31 20.88
CA LEU A 58 0.23 -2.24 21.62
C LEU A 58 -0.33 -2.72 22.98
N ARG A 59 -0.70 -4.00 23.08
CA ARG A 59 -1.28 -4.54 24.30
C ARG A 59 -0.32 -4.58 25.51
N ARG A 60 0.99 -4.43 25.29
CA ARG A 60 1.92 -4.38 26.40
C ARG A 60 1.80 -3.07 27.23
N TRP A 61 1.01 -2.08 26.77
CA TRP A 61 0.72 -0.85 27.50
C TRP A 61 -0.72 -0.80 28.06
N THR A 62 -1.38 -1.96 28.14
CA THR A 62 -2.70 -2.06 28.73
C THR A 62 -2.54 -2.49 30.21
N HIS A 63 -3.55 -2.27 31.04
CA HIS A 63 -3.49 -2.60 32.47
C HIS A 63 -4.66 -3.48 32.94
N ASP A 64 -5.69 -3.68 32.10
CA ASP A 64 -6.81 -4.50 32.49
C ASP A 64 -6.56 -6.00 32.20
N ALA A 65 -7.42 -6.87 32.75
CA ALA A 65 -7.32 -8.32 32.58
C ALA A 65 -7.57 -8.72 31.12
N HIS A 66 -8.45 -8.00 30.41
CA HIS A 66 -8.73 -8.31 29.01
C HIS A 66 -7.72 -7.76 28.01
N ARG A 67 -6.77 -6.90 28.46
CA ARG A 67 -5.78 -6.27 27.60
C ARG A 67 -6.46 -5.50 26.45
N SER A 68 -7.56 -4.77 26.76
CA SER A 68 -8.34 -4.10 25.71
C SER A 68 -7.73 -2.78 25.23
N VAL A 69 -7.83 -2.57 23.91
CA VAL A 69 -7.29 -1.40 23.24
C VAL A 69 -8.38 -0.46 22.66
N ASP A 70 -9.66 -0.83 22.76
CA ASP A 70 -10.74 -0.10 22.15
C ASP A 70 -11.91 0.16 23.07
N ASP A 71 -12.87 1.00 22.65
CA ASP A 71 -14.10 1.32 23.37
C ASP A 71 -15.11 1.94 22.40
N ALA A 72 -16.39 2.03 22.77
CA ALA A 72 -17.44 2.56 21.92
C ALA A 72 -17.25 4.04 21.61
N PRO A 73 -17.60 4.48 20.38
CA PRO A 73 -17.40 5.89 20.03
C PRO A 73 -18.39 6.85 20.64
N TYR A 74 -17.91 8.04 20.96
CA TYR A 74 -18.74 9.14 21.44
C TYR A 74 -19.49 9.71 20.23
N GLY A 75 -20.71 10.18 20.48
CA GLY A 75 -21.54 10.77 19.44
C GLY A 75 -22.18 9.76 18.51
N GLY A 76 -22.21 8.50 18.94
CA GLY A 76 -22.76 7.42 18.15
C GLY A 76 -21.81 7.01 17.03
N GLY A 77 -22.32 6.18 16.15
CA GLY A 77 -21.54 5.68 15.04
C GLY A 77 -21.22 4.21 15.20
N PRO A 78 -20.91 3.54 14.09
CA PRO A 78 -20.58 2.11 14.17
C PRO A 78 -19.15 1.86 14.63
N GLY A 79 -18.85 0.60 14.94
CA GLY A 79 -17.50 0.21 15.30
C GLY A 79 -16.98 0.75 16.60
N MET A 80 -15.69 0.52 16.84
CA MET A 80 -15.02 0.92 18.06
C MET A 80 -13.87 1.85 17.76
N VAL A 81 -13.45 2.60 18.77
CA VAL A 81 -12.34 3.51 18.63
C VAL A 81 -11.21 3.04 19.52
N MET A 82 -9.97 3.15 19.07
CA MET A 82 -8.83 2.83 19.89
C MET A 82 -8.63 3.89 20.99
N LYS A 83 -8.48 3.42 22.26
CA LYS A 83 -8.28 4.25 23.45
C LYS A 83 -7.01 5.04 23.49
N ALA A 84 -7.12 6.32 23.86
CA ALA A 84 -6.00 7.23 24.03
C ALA A 84 -5.08 6.83 25.16
N PRO A 85 -5.58 6.42 26.37
CA PRO A 85 -4.64 6.16 27.46
C PRO A 85 -3.59 5.10 27.11
N VAL A 86 -3.94 4.08 26.30
CA VAL A 86 -2.97 3.05 25.92
C VAL A 86 -1.91 3.60 24.97
N TRP A 87 -2.36 4.31 23.92
CA TRP A 87 -1.48 4.92 22.92
C TRP A 87 -0.55 5.99 23.51
N GLY A 88 -1.10 6.81 24.41
CA GLY A 88 -0.36 7.85 25.10
C GLY A 88 0.83 7.31 25.87
N GLU A 89 0.60 6.24 26.64
CA GLU A 89 1.64 5.54 27.37
C GLU A 89 2.65 4.86 26.45
N ALA A 90 2.19 4.23 25.36
CA ALA A 90 3.10 3.62 24.40
C ALA A 90 4.07 4.68 23.79
N LEU A 91 3.52 5.82 23.32
CA LEU A 91 4.33 6.84 22.69
C LEU A 91 5.23 7.58 23.69
N ASP A 92 4.84 7.63 24.98
CA ASP A 92 5.73 8.24 25.99
C ASP A 92 6.99 7.38 26.12
N GLU A 93 6.83 6.07 26.06
CA GLU A 93 7.97 5.16 26.18
C GLU A 93 8.86 5.15 24.94
N ILE A 94 8.26 5.02 23.76
CA ILE A 94 9.00 4.85 22.50
C ILE A 94 9.48 6.16 21.82
N ALA A 95 8.65 7.21 21.87
CA ALA A 95 8.99 8.44 21.18
C ALA A 95 9.71 9.47 22.06
N SER A 96 10.50 10.31 21.39
CA SER A 96 11.23 11.42 21.98
C SER A 96 10.96 12.70 21.14
N ALA A 97 11.56 13.83 21.52
CA ALA A 97 11.37 15.10 20.81
C ALA A 97 11.88 15.08 19.37
N GLU A 98 12.78 14.14 19.05
CA GLU A 98 13.38 14.00 17.73
C GLU A 98 12.62 13.03 16.79
N THR A 99 11.58 12.36 17.31
CA THR A 99 10.76 11.39 16.59
C THR A 99 9.81 12.04 15.61
N LEU A 100 9.66 11.43 14.43
CA LEU A 100 8.63 11.82 13.50
C LEU A 100 7.57 10.71 13.60
N LEU A 101 6.41 11.04 14.17
CA LEU A 101 5.33 10.10 14.35
C LEU A 101 4.46 10.10 13.08
N VAL A 102 4.29 8.94 12.46
CA VAL A 102 3.43 8.75 11.30
C VAL A 102 2.18 7.96 11.72
N VAL A 103 1.00 8.47 11.39
CA VAL A 103 -0.24 7.80 11.70
C VAL A 103 -0.92 7.49 10.38
N PRO A 104 -0.85 6.22 9.88
CA PRO A 104 -1.54 5.90 8.63
C PRO A 104 -3.05 6.03 8.84
N THR A 105 -3.72 6.88 8.04
CA THR A 105 -5.15 7.12 8.17
C THR A 105 -5.71 7.59 6.82
N PRO A 106 -6.93 7.15 6.44
CA PRO A 106 -7.51 7.59 5.15
C PRO A 106 -7.73 9.10 5.04
N ALA A 107 -7.84 9.79 6.18
CA ALA A 107 -8.02 11.23 6.24
C ALA A 107 -6.67 12.01 6.16
N GLY A 108 -5.54 11.32 6.05
CA GLY A 108 -4.24 11.98 6.01
C GLY A 108 -3.88 12.60 4.68
N VAL A 109 -2.75 13.34 4.66
CA VAL A 109 -2.21 13.92 3.44
C VAL A 109 -1.66 12.71 2.62
N LEU A 110 -1.76 12.75 1.29
CA LEU A 110 -1.27 11.66 0.47
C LEU A 110 0.22 11.41 0.62
N PHE A 111 0.58 10.14 0.74
CA PHE A 111 1.97 9.72 0.75
C PHE A 111 2.46 9.83 -0.73
N ASP A 112 3.73 10.18 -0.92
CA ASP A 112 4.34 10.29 -2.24
C ASP A 112 5.87 10.10 -2.17
N GLN A 113 6.54 10.05 -3.33
CA GLN A 113 7.98 9.87 -3.38
C GLN A 113 8.78 10.98 -2.68
N ALA A 114 8.32 12.24 -2.76
CA ALA A 114 8.98 13.36 -2.07
C ALA A 114 8.90 13.16 -0.53
N THR A 115 7.82 12.55 -0.02
CA THR A 115 7.72 12.28 1.41
C THR A 115 8.65 11.14 1.80
N ALA A 116 8.73 10.09 0.97
CA ALA A 116 9.63 8.97 1.23
C ALA A 116 11.08 9.43 1.30
N ALA A 117 11.48 10.34 0.38
CA ALA A 117 12.84 10.88 0.35
C ALA A 117 13.13 11.75 1.57
N ARG A 118 12.15 12.58 1.94
CA ARG A 118 12.21 13.43 3.12
C ARG A 118 12.39 12.56 4.39
N TRP A 119 11.60 11.49 4.53
CA TRP A 119 11.64 10.57 5.68
C TRP A 119 12.87 9.72 5.74
N SER A 120 13.53 9.43 4.60
CA SER A 120 14.77 8.64 4.58
C SER A 120 15.92 9.38 5.30
N ALA A 121 15.82 10.72 5.44
CA ALA A 121 16.79 11.53 6.16
C ALA A 121 16.50 11.63 7.67
N GLU A 122 15.44 10.97 8.18
CA GLU A 122 15.06 11.03 9.59
C GLU A 122 15.82 10.04 10.46
N ARG A 123 16.07 10.40 11.72
CA ARG A 123 16.79 9.52 12.63
C ARG A 123 15.84 8.55 13.36
N HIS A 124 14.56 8.91 13.53
CA HIS A 124 13.60 8.06 14.21
C HIS A 124 12.19 8.23 13.67
N LEU A 125 11.64 7.15 13.10
CA LEU A 125 10.28 7.13 12.59
C LEU A 125 9.46 6.18 13.46
N VAL A 126 8.25 6.59 13.84
CA VAL A 126 7.36 5.74 14.61
C VAL A 126 6.03 5.64 13.86
N PHE A 127 5.60 4.43 13.52
CA PHE A 127 4.34 4.22 12.85
C PHE A 127 3.31 3.74 13.84
N ALA A 128 2.25 4.55 14.07
CA ALA A 128 1.19 4.18 15.00
C ALA A 128 0.06 3.57 14.19
N CYS A 129 -0.02 2.23 14.16
CA CYS A 129 -1.03 1.53 13.36
C CYS A 129 -2.32 1.33 14.08
N GLY A 130 -3.36 1.95 13.55
CA GLY A 130 -4.71 1.86 14.10
C GLY A 130 -5.54 0.80 13.44
N ARG A 131 -6.60 0.40 14.12
CA ARG A 131 -7.60 -0.60 13.71
C ARG A 131 -8.98 -0.04 14.10
N TYR A 132 -10.07 -0.73 13.71
CA TYR A 132 -11.45 -0.29 13.99
C TYR A 132 -11.70 1.06 13.26
N GLU A 133 -12.37 2.02 13.90
CA GLU A 133 -12.58 3.35 13.31
C GLU A 133 -11.33 4.25 13.41
N GLY A 134 -10.25 3.79 14.01
CA GLY A 134 -9.04 4.56 14.14
C GLY A 134 -8.74 4.87 15.59
N ILE A 135 -7.72 5.67 15.80
CA ILE A 135 -7.24 6.03 17.10
C ILE A 135 -7.95 7.31 17.55
N ASP A 136 -8.25 7.43 18.87
CA ASP A 136 -8.86 8.63 19.48
C ASP A 136 -8.01 9.88 19.08
N GLN A 137 -8.65 10.89 18.47
CA GLN A 137 -7.94 12.07 17.94
C GLN A 137 -6.99 12.77 18.93
N ARG A 138 -7.26 12.63 20.23
CA ARG A 138 -6.43 13.29 21.24
C ARG A 138 -5.02 12.72 21.31
N VAL A 139 -4.79 11.48 20.81
CA VAL A 139 -3.46 10.87 20.78
C VAL A 139 -2.52 11.70 19.93
N VAL A 140 -2.95 12.11 18.71
CA VAL A 140 -2.11 12.92 17.83
C VAL A 140 -1.92 14.36 18.36
N GLU A 141 -3.00 14.96 18.89
N GLU A 141 -2.98 14.95 18.90
CA GLU A 141 -2.95 16.30 19.47
CA GLU A 141 -2.92 16.29 19.46
C GLU A 141 -1.97 16.35 20.65
C GLU A 141 -1.96 16.34 20.65
N ASP A 142 -2.01 15.33 21.54
CA ASP A 142 -1.12 15.24 22.69
C ASP A 142 0.30 14.94 22.27
N ALA A 143 0.49 14.01 21.32
CA ALA A 143 1.81 13.66 20.85
C ALA A 143 2.51 14.86 20.21
N ALA A 144 1.77 15.71 19.48
CA ALA A 144 2.32 16.93 18.85
C ALA A 144 2.89 17.93 19.84
N ARG A 145 2.58 17.80 21.14
CA ARG A 145 3.18 18.66 22.18
C ARG A 145 4.66 18.33 22.36
N ARG A 146 5.13 17.14 21.97
CA ARG A 146 6.51 16.74 22.22
C ARG A 146 7.20 15.99 21.07
N MET A 147 6.68 16.09 19.87
CA MET A 147 7.27 15.55 18.65
C MET A 147 6.52 16.04 17.42
N ARG A 148 7.06 15.77 16.23
CA ARG A 148 6.40 16.10 14.98
C ARG A 148 5.46 14.94 14.62
N VAL A 149 4.25 15.27 14.13
CA VAL A 149 3.25 14.29 13.77
C VAL A 149 2.78 14.49 12.34
N GLU A 150 2.61 13.39 11.60
CA GLU A 150 2.09 13.41 10.25
C GLU A 150 1.02 12.32 10.08
N GLU A 151 -0.21 12.72 9.78
CA GLU A 151 -1.28 11.79 9.48
C GLU A 151 -1.22 11.64 7.96
N VAL A 152 -0.99 10.40 7.49
CA VAL A 152 -0.75 10.15 6.07
C VAL A 152 -1.62 9.03 5.48
N SER A 153 -2.15 9.23 4.26
CA SER A 153 -2.91 8.23 3.54
C SER A 153 -2.08 7.75 2.35
N ILE A 154 -1.94 6.43 2.17
CA ILE A 154 -1.21 5.92 1.00
C ILE A 154 -2.04 6.04 -0.31
N GLY A 155 -3.32 6.30 -0.21
CA GLY A 155 -4.19 6.45 -1.36
C GLY A 155 -5.66 6.47 -1.02
N ASP A 156 -6.50 6.86 -1.97
CA ASP A 156 -7.93 7.02 -1.77
C ASP A 156 -8.72 5.72 -1.84
N TYR A 157 -8.52 4.89 -0.81
CA TYR A 157 -9.18 3.58 -0.64
C TYR A 157 -9.12 3.22 0.86
N VAL A 158 -10.03 2.37 1.34
CA VAL A 158 -10.16 2.05 2.76
C VAL A 158 -9.61 0.68 3.11
N LEU A 159 -8.65 0.67 4.05
CA LEU A 159 -8.02 -0.55 4.56
C LEU A 159 -8.59 -0.91 5.96
N PRO A 160 -8.53 -2.18 6.39
CA PRO A 160 -9.03 -2.51 7.73
C PRO A 160 -8.18 -1.97 8.91
N GLY A 161 -6.95 -1.58 8.63
CA GLY A 161 -6.01 -1.03 9.59
C GLY A 161 -4.78 -0.44 8.93
N GLY A 162 -3.93 0.23 9.70
CA GLY A 162 -2.74 0.91 9.18
C GLY A 162 -1.50 0.08 8.90
N GLU A 163 -1.54 -1.21 9.26
CA GLU A 163 -0.38 -2.09 9.09
C GLU A 163 0.10 -2.24 7.62
N SER A 164 -0.81 -2.46 6.65
CA SER A 164 -0.36 -2.60 5.26
C SER A 164 0.19 -1.30 4.69
N ALA A 165 -0.32 -0.15 5.17
CA ALA A 165 0.14 1.16 4.76
C ALA A 165 1.54 1.45 5.34
N ALA A 166 1.79 1.05 6.61
CA ALA A 166 3.10 1.19 7.22
C ALA A 166 4.14 0.36 6.42
N VAL A 167 3.77 -0.86 6.02
CA VAL A 167 4.64 -1.70 5.21
C VAL A 167 5.00 -0.99 3.88
N VAL A 168 4.00 -0.45 3.17
CA VAL A 168 4.23 0.29 1.94
C VAL A 168 5.19 1.49 2.16
N MET A 169 4.94 2.30 3.20
CA MET A 169 5.75 3.47 3.48
C MET A 169 7.16 3.11 3.88
N ILE A 170 7.33 2.07 4.69
CA ILE A 170 8.65 1.63 5.12
C ILE A 170 9.43 1.10 3.93
N GLU A 171 8.78 0.30 3.06
N GLU A 171 8.78 0.32 3.06
CA GLU A 171 9.45 -0.22 1.86
CA GLU A 171 9.41 -0.21 1.85
C GLU A 171 9.93 0.90 0.94
C GLU A 171 9.92 0.89 0.93
N ALA A 172 9.15 1.98 0.78
CA ALA A 172 9.54 3.11 -0.06
C ALA A 172 10.76 3.83 0.51
N VAL A 173 10.85 3.94 1.83
CA VAL A 173 11.96 4.58 2.53
C VAL A 173 13.21 3.69 2.51
N LEU A 174 13.09 2.40 2.88
CA LEU A 174 14.21 1.45 2.88
C LEU A 174 14.82 1.33 1.49
N ARG A 175 14.01 1.38 0.44
CA ARG A 175 14.48 1.30 -0.94
C ARG A 175 15.45 2.46 -1.24
N LEU A 176 15.16 3.66 -0.70
CA LEU A 176 16.00 4.84 -0.87
C LEU A 176 17.30 4.75 -0.05
N LEU A 177 17.28 4.06 1.07
CA LEU A 177 18.49 3.85 1.87
C LEU A 177 19.38 2.74 1.27
N ASP A 178 18.74 1.77 0.58
CA ASP A 178 19.23 0.58 -0.12
C ASP A 178 19.15 -0.68 0.78
N LEU A 200 5.09 8.69 -16.92
CA LEU A 200 4.99 7.25 -16.61
C LEU A 200 6.13 6.43 -17.23
N GLU A 201 6.59 5.40 -16.49
CA GLU A 201 7.64 4.50 -16.93
C GLU A 201 7.18 3.70 -18.14
N GLY A 202 8.06 3.57 -19.13
CA GLY A 202 7.81 2.87 -20.37
C GLY A 202 7.90 1.36 -20.22
N PRO A 203 7.43 0.65 -21.25
CA PRO A 203 7.48 -0.81 -21.22
C PRO A 203 8.89 -1.41 -21.26
N SER A 204 9.07 -2.54 -20.59
CA SER A 204 10.32 -3.29 -20.55
C SER A 204 10.19 -4.58 -21.37
N TYR A 205 11.28 -4.98 -22.04
CA TYR A 205 11.32 -6.20 -22.83
C TYR A 205 12.61 -6.97 -22.59
N THR A 206 12.54 -8.29 -22.61
CA THR A 206 13.73 -9.15 -22.53
C THR A 206 13.60 -10.32 -23.55
N ARG A 207 14.60 -11.22 -23.64
CA ARG A 207 14.60 -12.34 -24.61
C ARG A 207 13.38 -13.23 -24.43
N PRO A 208 12.85 -13.81 -25.52
CA PRO A 208 13.34 -13.75 -26.90
C PRO A 208 12.83 -12.54 -27.69
N PRO A 209 13.45 -12.22 -28.85
CA PRO A 209 12.97 -11.07 -29.64
C PRO A 209 11.54 -11.21 -30.17
N SER A 210 11.06 -12.44 -30.26
CA SER A 210 9.71 -12.73 -30.75
C SER A 210 9.11 -13.79 -29.82
N TRP A 211 7.92 -13.53 -29.27
CA TRP A 211 7.30 -14.44 -28.30
C TRP A 211 5.79 -14.45 -28.46
N ARG A 212 5.21 -15.60 -28.79
CA ARG A 212 3.77 -15.79 -29.00
C ARG A 212 3.20 -14.84 -30.05
N GLY A 213 3.99 -14.58 -31.09
CA GLY A 213 3.60 -13.68 -32.15
C GLY A 213 3.79 -12.20 -31.83
N LEU A 214 4.36 -11.88 -30.67
CA LEU A 214 4.59 -10.51 -30.23
C LEU A 214 6.08 -10.21 -30.27
N ASP A 215 6.46 -9.20 -31.04
CA ASP A 215 7.86 -8.84 -31.21
C ASP A 215 8.26 -7.71 -30.30
N VAL A 216 9.53 -7.69 -29.89
CA VAL A 216 10.12 -6.59 -29.15
C VAL A 216 10.22 -5.42 -30.16
N PRO A 217 9.83 -4.17 -29.83
CA PRO A 217 9.90 -3.07 -30.83
C PRO A 217 11.25 -3.01 -31.53
N GLU A 218 11.26 -3.08 -32.86
CA GLU A 218 12.48 -3.11 -33.68
C GLU A 218 13.55 -2.10 -33.27
N VAL A 219 13.12 -0.89 -32.86
CA VAL A 219 14.03 0.18 -32.42
C VAL A 219 14.92 -0.28 -31.27
N LEU A 220 14.40 -1.08 -30.32
CA LEU A 220 15.17 -1.60 -29.19
C LEU A 220 16.26 -2.60 -29.59
N LEU A 221 16.14 -3.21 -30.77
CA LEU A 221 17.15 -4.16 -31.27
C LEU A 221 18.12 -3.51 -32.30
N SER A 222 17.87 -2.24 -32.69
CA SER A 222 18.64 -1.51 -33.69
C SER A 222 20.04 -1.06 -33.25
N GLY A 223 20.20 -0.76 -31.98
CA GLY A 223 21.46 -0.22 -31.47
C GLY A 223 21.57 1.29 -31.63
N ASP A 224 20.64 1.93 -32.39
CA ASP A 224 20.58 3.37 -32.64
C ASP A 224 20.15 4.09 -31.37
N HIS A 225 21.11 4.63 -30.61
CA HIS A 225 20.91 5.35 -29.35
C HIS A 225 19.93 6.53 -29.50
N ALA A 226 19.99 7.22 -30.65
CA ALA A 226 19.11 8.37 -30.93
C ALA A 226 17.66 7.92 -31.09
N ARG A 227 17.41 6.95 -31.97
CA ARG A 227 16.08 6.41 -32.23
C ARG A 227 15.44 5.80 -30.98
N ILE A 228 16.26 5.13 -30.14
CA ILE A 228 15.81 4.50 -28.88
C ILE A 228 15.33 5.56 -27.88
N ALA A 229 16.09 6.66 -27.72
CA ALA A 229 15.71 7.75 -26.81
C ALA A 229 14.38 8.40 -27.24
N ALA A 230 14.21 8.62 -28.55
CA ALA A 230 12.99 9.20 -29.12
C ALA A 230 11.79 8.28 -28.92
N TRP A 231 12.01 6.96 -29.08
CA TRP A 231 10.96 5.96 -28.87
C TRP A 231 10.54 5.91 -27.40
N ARG A 232 11.51 5.97 -26.47
CA ARG A 232 11.22 5.93 -25.04
C ARG A 232 10.38 7.14 -24.60
N ARG A 233 10.67 8.33 -25.15
CA ARG A 233 9.91 9.55 -24.86
C ARG A 233 8.51 9.46 -25.45
N GLU A 234 8.40 8.92 -26.67
CA GLU A 234 7.12 8.74 -27.36
C GLU A 234 6.18 7.77 -26.59
N VAL A 235 6.70 6.59 -26.19
CA VAL A 235 5.90 5.58 -25.48
C VAL A 235 5.49 6.01 -24.07
N SER A 236 6.34 6.74 -23.35
CA SER A 236 6.02 7.19 -22.00
C SER A 236 4.93 8.26 -22.04
N LEU A 237 5.01 9.17 -23.03
CA LEU A 237 4.04 10.25 -23.19
C LEU A 237 2.68 9.68 -23.55
N GLN A 238 2.64 8.71 -24.48
CA GLN A 238 1.39 8.09 -24.91
C GLN A 238 0.74 7.33 -23.75
N ARG A 239 1.54 6.60 -22.95
CA ARG A 239 1.02 5.87 -21.79
C ARG A 239 0.48 6.84 -20.74
N THR A 240 1.15 7.99 -20.54
CA THR A 240 0.68 9.00 -19.58
C THR A 240 -0.62 9.65 -20.07
N ARG A 241 -0.76 9.88 -21.38
CA ARG A 241 -1.96 10.47 -21.95
C ARG A 241 -3.15 9.51 -21.80
N GLU A 242 -2.92 8.21 -22.00
CA GLU A 242 -3.97 7.21 -21.88
C GLU A 242 -4.37 6.90 -20.44
N ARG A 243 -3.40 6.77 -19.53
CA ARG A 243 -3.69 6.38 -18.14
C ARG A 243 -3.81 7.51 -17.13
N ARG A 244 -2.93 8.51 -17.21
CA ARG A 244 -2.93 9.61 -16.24
C ARG A 244 -2.95 10.97 -16.95
N PRO A 245 -4.04 11.32 -17.69
CA PRO A 245 -4.05 12.60 -18.41
C PRO A 245 -4.04 13.84 -17.50
N GLU A 246 -4.47 13.69 -16.24
CA GLU A 246 -4.45 14.77 -15.26
C GLU A 246 -3.01 15.08 -14.82
N LEU A 247 -2.17 14.02 -14.74
CA LEU A 247 -0.76 14.14 -14.37
C LEU A 247 0.01 14.72 -15.55
N SER B 21 -16.74 -18.65 -3.30
CA SER B 21 -17.36 -17.70 -4.22
C SER B 21 -16.33 -16.85 -5.00
N MET B 22 -15.20 -16.48 -4.36
CA MET B 22 -14.15 -15.74 -5.05
C MET B 22 -12.80 -16.40 -4.82
N ARG B 23 -12.04 -16.59 -5.92
CA ARG B 23 -10.69 -17.14 -5.86
C ARG B 23 -9.71 -15.99 -6.05
N ILE B 24 -8.63 -15.98 -5.28
CA ILE B 24 -7.60 -14.96 -5.43
C ILE B 24 -6.26 -15.65 -5.48
N ASP B 25 -5.52 -15.50 -6.60
CA ASP B 25 -4.21 -16.11 -6.73
C ASP B 25 -3.17 -15.02 -6.77
N VAL B 26 -2.08 -15.18 -6.03
CA VAL B 26 -0.99 -14.21 -6.03
C VAL B 26 0.25 -14.93 -6.51
N VAL B 27 0.91 -14.44 -7.56
CA VAL B 27 2.11 -15.08 -8.06
C VAL B 27 3.27 -14.15 -7.79
N THR B 28 4.30 -14.67 -7.13
CA THR B 28 5.42 -13.89 -6.64
C THR B 28 6.66 -14.74 -6.43
N ILE B 29 7.86 -14.13 -6.49
CA ILE B 29 9.09 -14.82 -6.10
C ILE B 29 9.32 -14.79 -4.55
N PHE B 30 8.43 -14.13 -3.79
CA PHE B 30 8.48 -14.02 -2.32
C PHE B 30 7.12 -14.41 -1.72
N PRO B 31 6.79 -15.70 -1.72
CA PRO B 31 5.48 -16.13 -1.19
C PRO B 31 5.24 -15.72 0.27
N ALA B 32 6.35 -15.56 1.04
CA ALA B 32 6.36 -15.18 2.46
C ALA B 32 5.73 -13.81 2.71
N TYR B 33 5.83 -12.90 1.70
N TYR B 33 5.84 -12.89 1.73
CA TYR B 33 5.28 -11.55 1.74
CA TYR B 33 5.22 -11.57 1.85
C TYR B 33 3.74 -11.50 1.70
C TYR B 33 3.72 -11.64 2.16
N LEU B 34 3.06 -12.69 1.69
CA LEU B 34 1.62 -12.83 1.78
C LEU B 34 1.18 -13.60 3.04
N ASP B 35 2.13 -14.11 3.85
CA ASP B 35 1.87 -14.86 5.09
C ASP B 35 0.83 -14.22 6.04
N PRO B 36 0.86 -12.89 6.34
CA PRO B 36 -0.16 -12.33 7.25
C PRO B 36 -1.61 -12.70 6.87
N LEU B 37 -1.97 -12.46 5.60
CA LEU B 37 -3.31 -12.77 5.08
C LEU B 37 -3.59 -14.29 5.13
N GLY B 49 -15.59 -19.33 4.38
CA GLY B 49 -14.70 -19.65 3.27
C GLY B 49 -15.18 -19.17 1.91
N LEU B 50 -15.70 -17.93 1.83
CA LEU B 50 -16.14 -17.36 0.53
C LEU B 50 -14.91 -16.94 -0.32
N VAL B 51 -13.73 -16.81 0.30
CA VAL B 51 -12.48 -16.42 -0.34
C VAL B 51 -11.46 -17.54 -0.27
N ASP B 52 -10.99 -17.98 -1.44
CA ASP B 52 -9.96 -18.99 -1.54
C ASP B 52 -8.70 -18.26 -1.99
N LEU B 53 -7.80 -17.95 -1.08
CA LEU B 53 -6.58 -17.22 -1.37
C LEU B 53 -5.40 -18.16 -1.49
N ARG B 54 -4.77 -18.20 -2.67
CA ARG B 54 -3.63 -19.05 -2.93
C ARG B 54 -2.45 -18.20 -3.33
N VAL B 55 -1.26 -18.54 -2.86
CA VAL B 55 -0.04 -17.82 -3.17
C VAL B 55 0.90 -18.82 -3.83
N HIS B 56 1.51 -18.43 -4.96
CA HIS B 56 2.35 -19.29 -5.77
C HIS B 56 3.73 -18.72 -5.95
N ASP B 57 4.73 -19.58 -5.77
CA ASP B 57 6.11 -19.17 -6.02
C ASP B 57 6.30 -19.24 -7.54
N LEU B 58 6.62 -18.10 -8.18
CA LEU B 58 6.83 -18.02 -9.63
C LEU B 58 7.90 -19.02 -10.11
N ARG B 59 8.86 -19.37 -9.24
CA ARG B 59 9.94 -20.28 -9.61
C ARG B 59 9.48 -21.73 -9.90
N ARG B 60 8.26 -22.10 -9.51
CA ARG B 60 7.74 -23.42 -9.82
C ARG B 60 7.43 -23.61 -11.35
N TRP B 61 7.49 -22.53 -12.15
CA TRP B 61 7.34 -22.56 -13.61
C TRP B 61 8.65 -22.33 -14.35
N THR B 62 9.79 -22.51 -13.66
CA THR B 62 11.11 -22.42 -14.28
C THR B 62 11.58 -23.87 -14.60
N HIS B 63 12.55 -24.02 -15.51
CA HIS B 63 13.05 -25.36 -15.86
C HIS B 63 14.57 -25.54 -15.67
N ASP B 64 15.30 -24.44 -15.44
CA ASP B 64 16.74 -24.46 -15.19
C ASP B 64 17.04 -24.69 -13.69
N ALA B 65 18.28 -25.16 -13.39
CA ALA B 65 18.75 -25.46 -12.03
C ALA B 65 18.77 -24.22 -11.13
N HIS B 66 19.09 -23.05 -11.70
CA HIS B 66 19.10 -21.79 -10.97
C HIS B 66 17.73 -21.19 -10.71
N ARG B 67 16.65 -21.76 -11.28
CA ARG B 67 15.27 -21.30 -11.21
C ARG B 67 15.16 -19.81 -11.53
N SER B 68 15.86 -19.36 -12.57
CA SER B 68 15.88 -17.93 -12.89
C SER B 68 14.60 -17.41 -13.56
N VAL B 69 14.16 -16.23 -13.09
CA VAL B 69 12.94 -15.56 -13.53
C VAL B 69 13.20 -14.27 -14.30
N ASP B 70 14.46 -13.86 -14.45
CA ASP B 70 14.78 -12.59 -15.08
C ASP B 70 15.89 -12.71 -16.13
N ASP B 71 16.09 -11.63 -16.91
CA ASP B 71 17.09 -11.52 -17.94
C ASP B 71 17.33 -10.02 -18.26
N ALA B 72 18.43 -9.70 -18.94
CA ALA B 72 18.80 -8.33 -19.27
C ALA B 72 17.80 -7.65 -20.20
N PRO B 73 17.57 -6.34 -20.02
CA PRO B 73 16.64 -5.65 -20.92
C PRO B 73 17.15 -5.36 -22.31
N TYR B 74 16.26 -5.40 -23.29
CA TYR B 74 16.58 -5.05 -24.66
C TYR B 74 16.67 -3.52 -24.77
N GLY B 75 17.54 -3.05 -25.66
CA GLY B 75 17.75 -1.62 -25.87
C GLY B 75 18.54 -0.94 -24.77
N GLY B 76 19.26 -1.73 -23.98
CA GLY B 76 20.04 -1.23 -22.86
C GLY B 76 19.18 -0.85 -21.67
N GLY B 77 19.82 -0.23 -20.69
CA GLY B 77 19.12 0.18 -19.48
C GLY B 77 19.57 -0.63 -18.29
N PRO B 78 19.29 -0.09 -17.09
CA PRO B 78 19.72 -0.77 -15.88
C PRO B 78 18.77 -1.89 -15.46
N GLY B 79 19.23 -2.73 -14.54
CA GLY B 79 18.44 -3.80 -13.97
C GLY B 79 18.03 -4.90 -14.91
N MET B 80 17.16 -5.76 -14.42
CA MET B 80 16.70 -6.92 -15.16
C MET B 80 15.18 -6.89 -15.33
N VAL B 81 14.67 -7.63 -16.31
CA VAL B 81 13.24 -7.70 -16.60
C VAL B 81 12.74 -9.15 -16.41
N MET B 82 11.57 -9.36 -15.80
CA MET B 82 11.06 -10.73 -15.63
C MET B 82 10.68 -11.33 -16.99
N LYS B 83 11.02 -12.64 -17.19
CA LYS B 83 10.89 -13.33 -18.47
C LYS B 83 9.48 -13.66 -18.87
N ALA B 84 9.10 -13.35 -20.12
CA ALA B 84 7.81 -13.77 -20.64
C ALA B 84 7.65 -15.31 -20.62
N PRO B 85 8.65 -16.13 -21.05
CA PRO B 85 8.46 -17.59 -20.98
C PRO B 85 8.00 -18.15 -19.64
N VAL B 86 8.57 -17.67 -18.52
CA VAL B 86 8.18 -18.13 -17.19
C VAL B 86 6.77 -17.67 -16.80
N TRP B 87 6.48 -16.35 -16.96
CA TRP B 87 5.17 -15.77 -16.62
C TRP B 87 4.03 -16.32 -17.50
N GLY B 88 4.33 -16.53 -18.78
CA GLY B 88 3.40 -17.07 -19.76
C GLY B 88 2.89 -18.43 -19.34
N GLU B 89 3.81 -19.30 -18.91
CA GLU B 89 3.49 -20.64 -18.41
C GLU B 89 2.69 -20.57 -17.11
N ALA B 90 3.08 -19.68 -16.18
CA ALA B 90 2.36 -19.52 -14.93
C ALA B 90 0.88 -19.09 -15.17
N LEU B 91 0.67 -18.08 -16.04
CA LEU B 91 -0.69 -17.59 -16.34
C LEU B 91 -1.49 -18.59 -17.16
N ASP B 92 -0.81 -19.46 -17.97
CA ASP B 92 -1.47 -20.53 -18.73
C ASP B 92 -2.13 -21.50 -17.75
N GLU B 93 -1.45 -21.79 -16.64
CA GLU B 93 -1.96 -22.71 -15.63
C GLU B 93 -3.05 -22.08 -14.73
N ILE B 94 -2.79 -20.88 -14.20
CA ILE B 94 -3.65 -20.24 -13.21
C ILE B 94 -4.84 -19.45 -13.76
N ALA B 95 -4.65 -18.72 -14.85
CA ALA B 95 -5.70 -17.89 -15.40
C ALA B 95 -6.55 -18.55 -16.47
N SER B 96 -7.79 -18.11 -16.57
CA SER B 96 -8.76 -18.55 -17.57
C SER B 96 -9.41 -17.30 -18.21
N ALA B 97 -10.35 -17.49 -19.15
CA ALA B 97 -11.04 -16.38 -19.80
C ALA B 97 -11.90 -15.54 -18.85
N GLU B 98 -12.23 -16.08 -17.67
CA GLU B 98 -13.06 -15.41 -16.68
C GLU B 98 -12.25 -14.62 -15.61
N THR B 99 -10.91 -14.75 -15.63
CA THR B 99 -9.99 -14.12 -14.71
C THR B 99 -9.83 -12.64 -14.97
N LEU B 100 -9.70 -11.85 -13.89
CA LEU B 100 -9.33 -10.45 -13.96
C LEU B 100 -7.87 -10.42 -13.46
N LEU B 101 -6.93 -10.19 -14.38
CA LEU B 101 -5.52 -10.17 -14.04
C LEU B 101 -5.13 -8.74 -13.62
N VAL B 102 -4.56 -8.61 -12.43
CA VAL B 102 -4.08 -7.34 -11.90
C VAL B 102 -2.56 -7.37 -11.87
N VAL B 103 -1.93 -6.36 -12.44
CA VAL B 103 -0.48 -6.26 -12.44
C VAL B 103 -0.12 -4.99 -11.66
N PRO B 104 0.30 -5.10 -10.39
CA PRO B 104 0.69 -3.89 -9.65
C PRO B 104 1.95 -3.29 -10.27
N THR B 105 1.88 -2.03 -10.70
CA THR B 105 3.02 -1.38 -11.36
C THR B 105 2.89 0.14 -11.17
N PRO B 106 4.02 0.86 -10.97
CA PRO B 106 3.94 2.34 -10.82
C PRO B 106 3.39 3.06 -12.06
N ALA B 107 3.44 2.42 -13.22
CA ALA B 107 2.91 2.96 -14.48
C ALA B 107 1.39 2.68 -14.66
N GLY B 108 0.74 2.04 -13.69
CA GLY B 108 -0.68 1.72 -13.81
C GLY B 108 -1.62 2.85 -13.45
N VAL B 109 -2.91 2.64 -13.71
CA VAL B 109 -3.93 3.59 -13.34
C VAL B 109 -4.06 3.51 -11.81
N LEU B 110 -4.35 4.64 -11.14
CA LEU B 110 -4.45 4.65 -9.69
C LEU B 110 -5.53 3.73 -9.15
N PHE B 111 -5.19 3.00 -8.10
CA PHE B 111 -6.14 2.18 -7.38
C PHE B 111 -7.00 3.15 -6.54
N ASP B 112 -8.29 2.83 -6.35
CA ASP B 112 -9.21 3.63 -5.57
C ASP B 112 -10.36 2.76 -5.01
N GLN B 113 -11.21 3.34 -4.17
CA GLN B 113 -12.34 2.62 -3.58
C GLN B 113 -13.35 2.10 -4.62
N ALA B 114 -13.59 2.85 -5.69
CA ALA B 114 -14.51 2.40 -6.75
C ALA B 114 -13.95 1.15 -7.46
N THR B 115 -12.60 1.02 -7.55
CA THR B 115 -12.00 -0.17 -8.16
C THR B 115 -12.11 -1.35 -7.19
N ALA B 116 -11.89 -1.11 -5.89
CA ALA B 116 -12.02 -2.17 -4.87
C ALA B 116 -13.44 -2.75 -4.87
N ALA B 117 -14.46 -1.89 -5.02
CA ALA B 117 -15.85 -2.32 -5.01
C ALA B 117 -16.16 -3.11 -6.27
N ARG B 118 -15.68 -2.65 -7.41
CA ARG B 118 -15.84 -3.33 -8.70
C ARG B 118 -15.21 -4.75 -8.62
N TRP B 119 -13.97 -4.85 -8.07
CA TRP B 119 -13.25 -6.12 -7.93
C TRP B 119 -13.85 -7.09 -6.93
N SER B 120 -14.55 -6.58 -5.90
CA SER B 120 -15.20 -7.45 -4.91
C SER B 120 -16.31 -8.30 -5.52
N ALA B 121 -16.84 -7.91 -6.68
CA ALA B 121 -17.87 -8.65 -7.42
C ALA B 121 -17.27 -9.74 -8.34
N GLU B 122 -15.91 -9.88 -8.41
CA GLU B 122 -15.27 -10.83 -9.33
C GLU B 122 -15.22 -12.25 -8.81
N ARG B 123 -15.25 -13.24 -9.71
CA ARG B 123 -15.13 -14.64 -9.31
C ARG B 123 -13.66 -15.07 -9.20
N HIS B 124 -12.76 -14.44 -9.97
CA HIS B 124 -11.35 -14.83 -9.96
C HIS B 124 -10.42 -13.65 -10.22
N LEU B 125 -9.58 -13.33 -9.22
CA LEU B 125 -8.60 -12.26 -9.32
C LEU B 125 -7.22 -12.91 -9.28
N VAL B 126 -6.31 -12.47 -10.16
CA VAL B 126 -4.95 -12.96 -10.16
C VAL B 126 -4.02 -11.76 -10.07
N PHE B 127 -3.14 -11.73 -9.06
CA PHE B 127 -2.18 -10.66 -8.91
C PHE B 127 -0.81 -11.14 -9.38
N ALA B 128 -0.28 -10.53 -10.45
CA ALA B 128 1.03 -10.90 -10.99
C ALA B 128 2.06 -9.93 -10.40
N CYS B 129 2.77 -10.34 -9.35
CA CYS B 129 3.73 -9.47 -8.67
C CYS B 129 5.09 -9.49 -9.30
N GLY B 130 5.48 -8.33 -9.82
CA GLY B 130 6.76 -8.10 -10.46
C GLY B 130 7.77 -7.56 -9.49
N ARG B 131 9.03 -7.72 -9.83
CA ARG B 131 10.23 -7.28 -9.14
C ARG B 131 11.19 -6.77 -10.22
N TYR B 132 12.32 -6.14 -9.82
CA TYR B 132 13.33 -5.59 -10.78
C TYR B 132 12.65 -4.45 -11.60
N GLU B 133 12.89 -4.37 -12.91
CA GLU B 133 12.24 -3.36 -13.75
C GLU B 133 10.78 -3.75 -14.11
N GLY B 134 10.22 -4.82 -13.50
CA GLY B 134 8.89 -5.29 -13.83
C GLY B 134 8.89 -6.53 -14.73
N ILE B 135 7.76 -6.80 -15.39
CA ILE B 135 7.56 -7.97 -16.24
C ILE B 135 7.62 -7.57 -17.71
N ASP B 136 8.15 -8.44 -18.61
CA ASP B 136 8.20 -8.20 -20.07
C ASP B 136 6.77 -7.85 -20.54
N GLN B 137 6.59 -6.70 -21.19
CA GLN B 137 5.27 -6.18 -21.57
C GLN B 137 4.41 -7.15 -22.38
N ARG B 138 5.03 -8.12 -23.07
CA ARG B 138 4.29 -9.07 -23.88
C ARG B 138 3.49 -10.07 -23.05
N VAL B 139 3.80 -10.24 -21.75
CA VAL B 139 3.03 -11.10 -20.86
C VAL B 139 1.59 -10.57 -20.73
N VAL B 140 1.43 -9.24 -20.48
CA VAL B 140 0.12 -8.58 -20.34
C VAL B 140 -0.62 -8.55 -21.69
N GLU B 141 0.11 -8.26 -22.80
CA GLU B 141 -0.47 -8.23 -24.13
C GLU B 141 -1.02 -9.60 -24.54
N ASP B 142 -0.28 -10.66 -24.22
CA ASP B 142 -0.69 -12.01 -24.56
C ASP B 142 -1.89 -12.41 -23.69
N ALA B 143 -1.85 -12.10 -22.38
CA ALA B 143 -2.95 -12.38 -21.45
C ALA B 143 -4.22 -11.66 -21.88
N ALA B 144 -4.10 -10.42 -22.38
CA ALA B 144 -5.29 -9.66 -22.79
C ALA B 144 -6.03 -10.26 -23.99
N ARG B 145 -5.39 -11.21 -24.71
CA ARG B 145 -6.06 -11.93 -25.80
C ARG B 145 -7.14 -12.86 -25.29
N ARG B 146 -7.02 -13.35 -24.04
N ARG B 146 -7.09 -13.30 -24.01
CA ARG B 146 -7.93 -14.33 -23.46
CA ARG B 146 -8.13 -14.20 -23.52
C ARG B 146 -8.66 -13.86 -22.19
C ARG B 146 -8.83 -13.65 -22.27
N MET B 147 -8.11 -12.90 -21.42
CA MET B 147 -8.69 -12.41 -20.17
C MET B 147 -8.69 -10.88 -20.07
N ARG B 148 -9.31 -10.33 -19.02
CA ARG B 148 -9.26 -8.90 -18.76
C ARG B 148 -8.01 -8.59 -17.94
N VAL B 149 -7.30 -7.52 -18.27
CA VAL B 149 -6.06 -7.14 -17.61
C VAL B 149 -6.11 -5.69 -17.13
N GLU B 150 -5.65 -5.44 -15.92
CA GLU B 150 -5.56 -4.10 -15.36
C GLU B 150 -4.19 -3.87 -14.72
N GLU B 151 -3.44 -2.90 -15.23
CA GLU B 151 -2.17 -2.51 -14.66
C GLU B 151 -2.53 -1.38 -13.70
N VAL B 152 -2.24 -1.56 -12.40
CA VAL B 152 -2.68 -0.64 -11.37
C VAL B 152 -1.56 -0.17 -10.42
N SER B 153 -1.56 1.13 -10.06
CA SER B 153 -0.61 1.70 -9.11
C SER B 153 -1.39 2.09 -7.86
N ILE B 154 -0.92 1.68 -6.66
CA ILE B 154 -1.59 2.06 -5.42
C ILE B 154 -1.33 3.54 -5.04
N GLY B 155 -0.35 4.18 -5.69
CA GLY B 155 -0.03 5.58 -5.42
C GLY B 155 1.28 6.02 -6.03
N ASP B 156 1.51 7.32 -6.05
CA ASP B 156 2.69 7.91 -6.66
C ASP B 156 3.93 7.89 -5.79
N TYR B 157 4.45 6.68 -5.61
CA TYR B 157 5.66 6.36 -4.86
C TYR B 157 6.22 5.03 -5.39
N VAL B 158 7.51 4.80 -5.21
CA VAL B 158 8.18 3.62 -5.78
C VAL B 158 8.47 2.54 -4.75
N LEU B 159 7.92 1.35 -4.98
CA LEU B 159 8.11 0.16 -4.14
C LEU B 159 9.12 -0.79 -4.82
N PRO B 160 9.83 -1.66 -4.06
CA PRO B 160 10.77 -2.58 -4.72
C PRO B 160 10.11 -3.67 -5.59
N GLY B 161 8.83 -3.93 -5.36
CA GLY B 161 8.04 -4.92 -6.09
C GLY B 161 6.56 -4.80 -5.79
N GLY B 162 5.75 -5.60 -6.48
CA GLY B 162 4.29 -5.52 -6.38
C GLY B 162 3.62 -6.21 -5.21
N GLU B 163 4.38 -6.93 -4.39
CA GLU B 163 3.82 -7.68 -3.27
C GLU B 163 3.09 -6.83 -2.22
N SER B 164 3.69 -5.71 -1.76
CA SER B 164 2.98 -4.87 -0.76
C SER B 164 1.75 -4.22 -1.33
N ALA B 165 1.74 -3.92 -2.64
CA ALA B 165 0.60 -3.33 -3.34
C ALA B 165 -0.52 -4.36 -3.48
N ALA B 166 -0.19 -5.63 -3.76
CA ALA B 166 -1.19 -6.71 -3.83
C ALA B 166 -1.85 -6.86 -2.46
N VAL B 167 -1.06 -6.83 -1.38
CA VAL B 167 -1.61 -6.91 -0.03
C VAL B 167 -2.61 -5.77 0.24
N VAL B 168 -2.23 -4.52 -0.11
CA VAL B 168 -3.12 -3.37 0.05
C VAL B 168 -4.43 -3.56 -0.73
N MET B 169 -4.33 -3.96 -2.00
CA MET B 169 -5.50 -4.15 -2.83
C MET B 169 -6.39 -5.27 -2.36
N ILE B 170 -5.81 -6.39 -1.93
CA ILE B 170 -6.57 -7.52 -1.45
C ILE B 170 -7.29 -7.13 -0.15
N GLU B 171 -6.59 -6.44 0.76
N GLU B 171 -6.60 -6.42 0.75
CA GLU B 171 -7.22 -5.98 2.01
CA GLU B 171 -7.19 -5.96 2.00
C GLU B 171 -8.41 -5.08 1.76
C GLU B 171 -8.40 -5.07 1.76
N ALA B 172 -8.33 -4.19 0.76
CA ALA B 172 -9.44 -3.28 0.43
C ALA B 172 -10.65 -4.04 -0.08
N VAL B 173 -10.42 -5.11 -0.86
CA VAL B 173 -11.47 -5.95 -1.41
C VAL B 173 -12.08 -6.86 -0.33
N LEU B 174 -11.25 -7.57 0.44
CA LEU B 174 -11.71 -8.44 1.52
C LEU B 174 -12.55 -7.68 2.55
N ARG B 175 -12.16 -6.43 2.84
CA ARG B 175 -12.90 -5.58 3.77
C ARG B 175 -14.35 -5.37 3.29
N LEU B 176 -14.55 -5.23 1.97
CA LEU B 176 -15.87 -5.07 1.37
C LEU B 176 -16.68 -6.36 1.37
N LEU B 177 -16.02 -7.51 1.36
CA LEU B 177 -16.71 -8.79 1.43
C LEU B 177 -17.12 -9.13 2.87
N ASP B 178 -16.37 -8.65 3.88
CA ASP B 178 -16.61 -8.88 5.30
C ASP B 178 -17.97 -8.33 5.77
N GLU B 201 -12.39 9.82 8.08
CA GLU B 201 -12.64 11.11 7.43
C GLU B 201 -12.72 12.20 8.50
N GLY B 202 -13.56 11.98 9.49
CA GLY B 202 -13.63 12.88 10.64
C GLY B 202 -12.92 12.27 11.84
N PRO B 203 -12.57 13.07 12.85
CA PRO B 203 -11.89 12.49 14.04
C PRO B 203 -12.81 11.60 14.89
N SER B 204 -12.24 10.58 15.51
CA SER B 204 -12.96 9.65 16.38
C SER B 204 -12.55 9.89 17.85
N TYR B 205 -13.50 9.72 18.77
CA TYR B 205 -13.23 9.86 20.20
C TYR B 205 -13.89 8.74 21.00
N THR B 206 -13.23 8.30 22.07
CA THR B 206 -13.82 7.35 23.00
C THR B 206 -13.45 7.77 24.46
N ARG B 207 -13.90 7.01 25.49
CA ARG B 207 -13.63 7.31 26.90
C ARG B 207 -12.15 7.43 27.18
N PRO B 208 -11.74 8.32 28.11
CA PRO B 208 -12.59 9.18 28.95
C PRO B 208 -12.98 10.52 28.30
N PRO B 209 -14.01 11.21 28.83
CA PRO B 209 -14.39 12.50 28.22
C PRO B 209 -13.30 13.58 28.30
N SER B 210 -12.34 13.41 29.20
CA SER B 210 -11.24 14.35 29.41
C SER B 210 -9.96 13.54 29.60
N TRP B 211 -8.89 13.83 28.85
CA TRP B 211 -7.65 13.05 28.91
C TRP B 211 -6.45 13.96 28.59
N ARG B 212 -5.49 14.04 29.53
CA ARG B 212 -4.29 14.87 29.42
C ARG B 212 -4.61 16.34 29.14
N GLY B 213 -5.71 16.83 29.70
CA GLY B 213 -6.18 18.20 29.50
C GLY B 213 -6.93 18.42 28.19
N LEU B 214 -7.18 17.34 27.42
CA LEU B 214 -7.88 17.40 26.14
C LEU B 214 -9.26 16.79 26.28
N ASP B 215 -10.31 17.56 25.99
CA ASP B 215 -11.69 17.11 26.12
C ASP B 215 -12.28 16.68 24.80
N VAL B 216 -13.21 15.74 24.85
CA VAL B 216 -13.95 15.28 23.68
C VAL B 216 -14.90 16.44 23.30
N PRO B 217 -15.04 16.83 22.00
CA PRO B 217 -15.96 17.93 21.66
C PRO B 217 -17.35 17.75 22.26
N GLU B 218 -17.82 18.75 23.04
CA GLU B 218 -19.09 18.69 23.75
C GLU B 218 -20.28 18.19 22.91
N VAL B 219 -20.32 18.55 21.62
CA VAL B 219 -21.37 18.14 20.70
C VAL B 219 -21.50 16.61 20.64
N LEU B 220 -20.37 15.88 20.69
CA LEU B 220 -20.37 14.41 20.67
C LEU B 220 -20.96 13.77 21.93
N LEU B 221 -21.03 14.52 23.04
CA LEU B 221 -21.63 14.03 24.29
C LEU B 221 -23.09 14.54 24.48
N SER B 222 -23.60 15.40 23.57
CA SER B 222 -24.92 16.02 23.64
C SER B 222 -26.10 15.11 23.32
N GLY B 223 -25.90 14.13 22.47
CA GLY B 223 -27.00 13.27 22.03
C GLY B 223 -27.77 13.83 20.85
N ASP B 224 -27.53 15.12 20.48
CA ASP B 224 -28.19 15.81 19.37
C ASP B 224 -27.65 15.29 18.04
N HIS B 225 -28.38 14.37 17.39
CA HIS B 225 -27.96 13.76 16.14
C HIS B 225 -27.75 14.77 15.00
N ALA B 226 -28.58 15.82 14.93
CA ALA B 226 -28.46 16.85 13.90
C ALA B 226 -27.20 17.72 14.09
N ARG B 227 -26.94 18.18 15.34
CA ARG B 227 -25.74 18.97 15.65
C ARG B 227 -24.47 18.17 15.40
N ILE B 228 -24.50 16.84 15.61
CA ILE B 228 -23.36 15.96 15.40
C ILE B 228 -23.06 15.81 13.93
N ALA B 229 -24.11 15.62 13.11
CA ALA B 229 -23.92 15.50 11.66
C ALA B 229 -23.33 16.80 11.08
N ALA B 230 -23.85 17.95 11.54
CA ALA B 230 -23.38 19.27 11.15
C ALA B 230 -21.91 19.47 11.53
N TRP B 231 -21.52 19.08 12.76
CA TRP B 231 -20.15 19.17 13.28
C TRP B 231 -19.20 18.28 12.49
N ARG B 232 -19.65 17.05 12.12
CA ARG B 232 -18.81 16.14 11.35
C ARG B 232 -18.52 16.72 9.96
N ARG B 233 -19.52 17.38 9.35
CA ARG B 233 -19.34 18.05 8.03
C ARG B 233 -18.32 19.19 8.10
N GLU B 234 -18.41 20.06 9.14
CA GLU B 234 -17.51 21.21 9.31
C GLU B 234 -16.07 20.78 9.53
N VAL B 235 -15.82 19.83 10.43
CA VAL B 235 -14.48 19.35 10.68
C VAL B 235 -13.92 18.65 9.44
N SER B 236 -14.74 17.87 8.74
CA SER B 236 -14.30 17.23 7.51
C SER B 236 -13.94 18.27 6.43
N LEU B 237 -14.72 19.35 6.33
CA LEU B 237 -14.49 20.39 5.33
C LEU B 237 -13.19 21.11 5.60
N GLN B 238 -12.97 21.50 6.86
CA GLN B 238 -11.74 22.16 7.24
C GLN B 238 -10.54 21.27 7.04
N ARG B 239 -10.67 19.99 7.42
CA ARG B 239 -9.61 19.00 7.25
C ARG B 239 -9.32 18.76 5.75
N THR B 240 -10.36 18.74 4.91
CA THR B 240 -10.17 18.57 3.47
C THR B 240 -9.51 19.80 2.84
N ARG B 241 -9.85 21.01 3.32
CA ARG B 241 -9.23 22.24 2.82
C ARG B 241 -7.75 22.30 3.18
N GLU B 242 -7.39 21.86 4.40
CA GLU B 242 -6.01 21.87 4.84
C GLU B 242 -5.15 20.77 4.22
N ARG B 243 -5.67 19.55 4.13
CA ARG B 243 -4.88 18.41 3.64
C ARG B 243 -5.03 18.07 2.16
N ARG B 244 -6.27 18.10 1.63
CA ARG B 244 -6.51 17.72 0.23
C ARG B 244 -7.32 18.81 -0.50
N PRO B 245 -6.77 20.03 -0.69
CA PRO B 245 -7.54 21.10 -1.35
C PRO B 245 -7.91 20.82 -2.81
N GLU B 246 -7.19 19.90 -3.46
CA GLU B 246 -7.48 19.52 -4.84
C GLU B 246 -8.82 18.76 -4.94
N LEU B 247 -9.32 18.14 -3.86
CA LEU B 247 -10.61 17.44 -3.89
C LEU B 247 -11.82 18.39 -3.92
N LEU B 248 -11.62 19.67 -3.60
CA LEU B 248 -12.70 20.66 -3.56
C LEU B 248 -12.62 21.70 -4.72
N ALA B 249 -11.64 21.58 -5.61
CA ALA B 249 -11.47 22.51 -6.70
C ALA B 249 -11.68 21.84 -8.06
#